data_3H0K
#
_entry.id   3H0K
#
_cell.length_a   65.418
_cell.length_b   65.418
_cell.length_c   205.437
_cell.angle_alpha   90.00
_cell.angle_beta   90.00
_cell.angle_gamma   90.00
#
_symmetry.space_group_name_H-M   'P 43 21 2'
#
loop_
_entity.id
_entity.type
_entity.pdbx_description
1 polymer 'UPF0200 protein SSO1041'
2 non-polymer 'SULFATE ION'
3 water water
#
_entity_poly.entity_id   1
_entity_poly.type   'polypeptide(L)'
_entity_poly.pdbx_seq_one_letter_code
;KVILITGMPGSGKSEFAKLLKERGAKVIVMSDVVRKRYSIEAKPGERLMDFAKRLREIYGDGVVARLCVEELGTSNHDLV
VFDGVRSLAEVEEFKRLLGDSVYIVAVHSPPKIRYKRMIERLRSDDSKEISELIRRDREELKLGIGEVIAMADYIITNDS
NYEEFKRRCEEVTDRVLK
;
_entity_poly.pdbx_strand_id   A,B
#
# COMPACT_ATOMS: atom_id res chain seq x y z
N LYS A 1 17.56 14.67 -8.17
CA LYS A 1 16.65 13.52 -7.93
C LYS A 1 16.03 13.58 -6.55
N VAL A 2 14.72 13.41 -6.52
CA VAL A 2 13.95 13.52 -5.28
C VAL A 2 13.42 12.17 -4.86
N ILE A 3 13.55 11.86 -3.58
CA ILE A 3 12.88 10.71 -3.01
C ILE A 3 11.87 11.12 -1.95
N LEU A 4 10.63 10.66 -2.12
CA LEU A 4 9.59 10.85 -1.12
C LEU A 4 9.51 9.60 -0.30
N ILE A 5 9.67 9.74 1.01
CA ILE A 5 9.50 8.62 1.93
C ILE A 5 8.04 8.59 2.39
N THR A 6 7.45 7.39 2.38
CA THR A 6 6.10 7.15 2.87
C THR A 6 6.09 5.86 3.70
N GLY A 7 5.29 5.82 4.77
CA GLY A 7 5.26 4.67 5.68
C GLY A 7 4.24 4.85 6.79
N MET A 8 3.58 3.75 7.14
CA MET A 8 2.55 3.73 8.16
C MET A 8 3.18 4.01 9.53
N PRO A 9 2.39 4.55 10.49
CA PRO A 9 2.89 4.97 11.81
C PRO A 9 4.18 4.34 12.33
N GLY A 10 4.19 3.04 12.62
CA GLY A 10 5.37 2.48 13.23
C GLY A 10 6.41 1.92 12.27
N SER A 11 6.45 2.40 11.03
CA SER A 11 7.25 1.73 9.98
C SER A 11 8.77 1.74 10.11
N GLY A 12 9.34 2.70 10.83
CA GLY A 12 10.80 2.88 10.86
C GLY A 12 11.37 3.71 9.72
N LYS A 13 10.49 4.20 8.85
CA LYS A 13 10.89 5.01 7.69
C LYS A 13 11.90 6.09 8.07
N SER A 14 11.86 6.48 9.34
CA SER A 14 12.78 7.45 9.83
C SER A 14 14.23 6.97 9.73
N GLU A 15 14.47 5.66 9.90
CA GLU A 15 15.84 5.14 9.83
C GLU A 15 16.35 5.26 8.41
N PHE A 16 15.46 5.01 7.45
CA PHE A 16 15.84 5.16 6.06
C PHE A 16 16.29 6.58 5.81
N ALA A 17 15.55 7.55 6.33
CA ALA A 17 15.91 8.95 6.19
C ALA A 17 17.20 9.26 6.92
N LYS A 18 17.36 8.77 8.15
CA LYS A 18 18.64 8.97 8.87
C LYS A 18 19.80 8.52 7.98
N LEU A 19 19.63 7.37 7.33
CA LEU A 19 20.62 6.86 6.38
C LEU A 19 20.95 7.83 5.25
N LEU A 20 19.93 8.38 4.60
CA LEU A 20 20.13 9.32 3.47
C LEU A 20 20.88 10.63 3.79
N LYS A 21 20.50 11.30 4.89
CA LYS A 21 21.20 12.52 5.26
C LYS A 21 22.62 12.24 5.69
N GLU A 22 22.88 11.03 6.17
CA GLU A 22 24.23 10.64 6.53
C GLU A 22 25.11 10.50 5.29
N ARG A 23 24.51 10.05 4.19
CA ARG A 23 25.21 10.01 2.91
C ARG A 23 24.95 11.33 2.16
N GLY A 24 25.10 12.45 2.89
CA GLY A 24 24.82 13.79 2.39
C GLY A 24 23.58 13.89 1.49
N ALA A 25 22.50 14.44 2.03
CA ALA A 25 21.31 14.66 1.22
C ALA A 25 20.38 15.59 1.95
N LYS A 26 19.64 16.39 1.19
CA LYS A 26 18.75 17.35 1.81
C LYS A 26 17.53 16.59 2.26
N VAL A 27 17.44 16.40 3.57
CA VAL A 27 16.26 15.77 4.14
C VAL A 27 15.33 16.79 4.80
N ILE A 28 14.11 16.82 4.32
CA ILE A 28 13.10 17.71 4.84
C ILE A 28 11.99 16.85 5.37
N VAL A 29 11.69 17.05 6.65
CA VAL A 29 10.77 16.18 7.35
C VAL A 29 9.40 16.83 7.43
N MET A 30 8.50 16.32 6.60
CA MET A 30 7.19 16.92 6.39
C MET A 30 6.43 17.34 7.67
N SER A 31 6.45 16.51 8.70
CA SER A 31 5.75 16.83 9.95
C SER A 31 6.36 17.98 10.72
N ASP A 32 7.66 18.21 10.54
CA ASP A 32 8.30 19.38 11.13
C ASP A 32 8.02 20.67 10.36
N VAL A 33 7.78 20.57 9.06
CA VAL A 33 7.29 21.73 8.32
C VAL A 33 5.95 22.17 8.92
N VAL A 34 5.00 21.24 9.07
CA VAL A 34 3.73 21.55 9.73
C VAL A 34 4.01 21.98 11.16
N ARG A 35 4.94 21.28 11.79
CA ARG A 35 5.36 21.63 13.12
C ARG A 35 5.74 23.11 13.15
N LYS A 36 6.64 23.54 12.25
CA LYS A 36 7.19 24.91 12.25
C LYS A 36 6.12 25.93 11.91
N ARG A 37 5.14 25.51 11.14
CA ARG A 37 3.99 26.35 10.85
C ARG A 37 3.07 26.45 12.08
N TYR A 38 3.03 25.38 12.88
CA TYR A 38 2.30 25.36 14.16
C TYR A 38 2.82 26.46 15.08
N SER A 39 4.13 26.49 15.25
CA SER A 39 4.82 27.58 15.92
C SER A 39 4.28 28.93 15.50
N ILE A 40 3.54 28.97 14.39
CA ILE A 40 3.06 30.24 13.85
C ILE A 40 1.57 30.48 14.06
N GLU A 41 0.73 29.46 13.88
CA GLU A 41 -0.73 29.65 14.07
C GLU A 41 -1.52 28.51 14.78
N ALA A 42 -2.58 28.89 15.50
CA ALA A 42 -3.41 27.94 16.25
C ALA A 42 -4.85 27.86 15.70
N GLY A 45 -6.80 24.46 13.97
CA GLY A 45 -7.18 23.58 15.09
C GLY A 45 -6.19 23.56 16.25
N GLU A 46 -6.53 22.83 17.32
CA GLU A 46 -5.71 22.83 18.56
C GLU A 46 -4.44 21.94 18.55
N ARG A 47 -4.59 20.63 18.29
CA ARG A 47 -3.43 19.72 18.18
C ARG A 47 -2.89 19.63 16.75
N LEU A 48 -1.57 19.49 16.63
CA LEU A 48 -0.85 19.31 15.35
C LEU A 48 -1.72 18.67 14.29
N MET A 49 -2.44 17.61 14.69
CA MET A 49 -3.44 16.94 13.85
C MET A 49 -4.42 17.91 13.21
N ASP A 50 -5.38 18.33 14.02
CA ASP A 50 -6.49 19.16 13.57
C ASP A 50 -6.02 20.45 12.88
N PHE A 51 -4.81 20.87 13.22
CA PHE A 51 -4.14 22.03 12.60
C PHE A 51 -3.90 21.77 11.13
N ALA A 52 -3.27 20.65 10.83
CA ALA A 52 -3.07 20.22 9.45
C ALA A 52 -4.37 19.74 8.80
N LYS A 53 -5.37 19.36 9.62
CA LYS A 53 -6.73 19.09 9.12
C LYS A 53 -7.34 20.37 8.51
N ARG A 54 -7.16 21.51 9.18
CA ARG A 54 -7.65 22.80 8.65
C ARG A 54 -6.86 23.25 7.43
N LEU A 55 -5.53 23.15 7.49
CA LEU A 55 -4.64 23.50 6.38
C LEU A 55 -5.04 22.87 5.06
N ARG A 56 -5.25 21.56 5.07
CA ARG A 56 -5.72 20.89 3.88
C ARG A 56 -7.16 21.34 3.55
N GLU A 57 -7.95 21.64 4.59
CA GLU A 57 -9.35 22.02 4.41
C GLU A 57 -9.49 23.44 3.83
N ILE A 58 -8.56 24.32 4.20
CA ILE A 58 -8.56 25.71 3.75
C ILE A 58 -7.66 25.90 2.52
N TYR A 59 -6.39 25.49 2.65
CA TYR A 59 -5.34 25.77 1.65
C TYR A 59 -5.16 24.76 0.55
N GLY A 60 -5.52 23.50 0.76
CA GLY A 60 -5.44 22.57 -0.34
C GLY A 60 -5.22 21.10 -0.10
N ASP A 61 -5.65 20.33 -1.10
CA ASP A 61 -5.63 18.86 -1.10
C ASP A 61 -4.61 18.14 -0.21
N GLY A 62 -3.28 18.31 -0.36
CA GLY A 62 -2.56 19.18 -1.32
C GLY A 62 -1.46 20.06 -0.71
N VAL A 63 -1.82 20.74 0.39
CA VAL A 63 -1.08 21.91 0.88
C VAL A 63 0.36 21.66 1.33
N VAL A 64 0.58 20.62 2.12
CA VAL A 64 1.84 20.48 2.83
C VAL A 64 3.05 20.31 1.88
N ALA A 65 2.84 19.67 0.74
CA ALA A 65 3.93 19.51 -0.21
C ALA A 65 4.49 20.88 -0.60
N ARG A 66 3.61 21.76 -1.07
CA ARG A 66 3.97 23.16 -1.34
C ARG A 66 4.84 23.74 -0.22
N LEU A 67 4.39 23.58 1.03
CA LEU A 67 5.08 24.14 2.19
C LEU A 67 6.49 23.56 2.35
N CYS A 68 6.66 22.32 1.89
CA CYS A 68 7.97 21.69 1.90
C CYS A 68 8.83 22.23 0.79
N VAL A 69 8.23 22.39 -0.38
CA VAL A 69 8.95 22.84 -1.55
C VAL A 69 9.38 24.27 -1.33
N GLU A 70 8.55 25.01 -0.60
CA GLU A 70 8.89 26.34 -0.14
C GLU A 70 9.96 26.19 0.93
N GLU A 71 9.88 25.11 1.69
CA GLU A 71 10.87 24.82 2.71
C GLU A 71 12.24 24.71 2.06
N LEU A 72 12.35 23.81 1.10
CA LEU A 72 13.52 23.74 0.25
C LEU A 72 13.83 25.12 -0.24
N GLY A 73 15.11 25.41 -0.40
CA GLY A 73 15.46 26.63 -1.10
C GLY A 73 15.28 26.43 -2.59
N THR A 74 15.69 27.44 -3.35
CA THR A 74 15.97 27.27 -4.77
C THR A 74 17.40 26.71 -4.82
N SER A 75 17.91 26.46 -3.62
CA SER A 75 19.26 26.00 -3.29
C SER A 75 20.10 25.32 -4.37
N ASN A 76 19.81 24.04 -4.67
CA ASN A 76 20.65 23.19 -5.55
C ASN A 76 21.23 22.00 -4.82
N HIS A 77 20.43 20.96 -4.63
CA HIS A 77 20.93 19.78 -3.95
C HIS A 77 20.93 18.59 -4.90
N ASP A 78 21.81 17.62 -4.63
CA ASP A 78 21.85 16.37 -5.41
C ASP A 78 20.70 15.43 -5.04
N LEU A 79 20.52 15.19 -3.74
CA LEU A 79 19.35 14.45 -3.27
C LEU A 79 18.50 15.26 -2.29
N VAL A 80 17.24 15.40 -2.65
CA VAL A 80 16.29 16.02 -1.77
C VAL A 80 15.32 14.94 -1.34
N VAL A 81 15.05 14.90 -0.04
CA VAL A 81 14.30 13.81 0.54
C VAL A 81 13.18 14.34 1.40
N PHE A 82 11.96 14.01 1.00
CA PHE A 82 10.77 14.44 1.74
C PHE A 82 10.17 13.28 2.51
N ASP A 83 10.19 13.44 3.83
CA ASP A 83 9.91 12.36 4.76
C ASP A 83 8.45 12.35 5.23
N GLY A 84 7.67 11.38 4.77
CA GLY A 84 6.31 11.25 5.24
C GLY A 84 5.24 11.92 4.39
N VAL A 85 5.26 11.67 3.10
CA VAL A 85 4.09 11.86 2.24
C VAL A 85 2.90 11.08 2.79
N ARG A 86 1.68 11.52 2.50
CA ARG A 86 0.50 10.83 3.00
C ARG A 86 -0.59 10.70 1.96
N SER A 87 -0.41 11.32 0.80
CA SER A 87 -1.45 11.28 -0.18
C SER A 87 -0.86 11.49 -1.54
N LEU A 88 -1.63 11.09 -2.56
CA LEU A 88 -1.29 11.35 -3.96
C LEU A 88 -1.40 12.86 -4.28
N ALA A 89 -2.18 13.59 -3.49
CA ALA A 89 -2.20 15.05 -3.56
C ALA A 89 -0.79 15.65 -3.38
N GLU A 90 -0.13 15.26 -2.29
CA GLU A 90 1.20 15.75 -2.01
C GLU A 90 2.12 15.36 -3.14
N VAL A 91 1.95 14.14 -3.63
CA VAL A 91 2.82 13.65 -4.69
C VAL A 91 2.66 14.47 -5.96
N GLU A 92 1.43 14.65 -6.41
CA GLU A 92 1.15 15.47 -7.58
C GLU A 92 1.84 16.82 -7.40
N GLU A 93 1.65 17.44 -6.25
CA GLU A 93 2.27 18.74 -5.97
C GLU A 93 3.76 18.70 -6.16
N PHE A 94 4.43 17.82 -5.43
CA PHE A 94 5.87 17.63 -5.55
C PHE A 94 6.32 17.47 -7.00
N LYS A 95 5.67 16.56 -7.70
CA LYS A 95 5.94 16.28 -9.09
C LYS A 95 5.87 17.58 -9.87
N ARG A 96 4.72 18.26 -9.79
CA ARG A 96 4.45 19.51 -10.52
C ARG A 96 5.52 20.57 -10.27
N LEU A 97 5.84 20.76 -9.00
CA LEU A 97 6.86 21.68 -8.55
C LEU A 97 8.28 21.25 -8.90
N LEU A 98 8.61 19.99 -8.65
CA LEU A 98 10.01 19.55 -8.71
C LEU A 98 10.42 18.87 -10.03
N GLY A 99 9.47 18.23 -10.71
CA GLY A 99 9.72 17.79 -12.05
C GLY A 99 9.42 16.33 -12.25
N ASP A 100 10.45 15.59 -12.64
CA ASP A 100 10.26 14.20 -13.08
C ASP A 100 11.24 13.20 -12.45
N SER A 101 12.30 13.67 -11.79
CA SER A 101 13.17 12.78 -11.02
C SER A 101 12.69 12.53 -9.56
N VAL A 102 11.38 12.52 -9.37
CA VAL A 102 10.73 12.30 -8.08
C VAL A 102 10.24 10.84 -7.90
N TYR A 103 10.78 10.12 -6.91
CA TYR A 103 10.45 8.69 -6.68
C TYR A 103 9.79 8.41 -5.32
N ILE A 104 8.80 7.54 -5.30
CA ILE A 104 8.17 7.07 -4.05
C ILE A 104 8.84 5.82 -3.53
N VAL A 105 9.36 5.91 -2.32
CA VAL A 105 9.83 4.73 -1.61
C VAL A 105 8.97 4.52 -0.37
N ALA A 106 8.20 3.44 -0.39
CA ALA A 106 7.42 3.04 0.77
C ALA A 106 8.32 2.16 1.65
N VAL A 107 8.41 2.47 2.95
CA VAL A 107 9.07 1.58 3.90
C VAL A 107 8.05 0.71 4.63
N HIS A 108 7.99 -0.59 4.27
CA HIS A 108 6.96 -1.49 4.80
C HIS A 108 7.30 -2.33 6.03
N SER A 109 6.29 -2.48 6.88
CA SER A 109 6.36 -3.30 8.09
C SER A 109 4.92 -3.68 8.44
N PRO A 110 4.68 -4.99 8.73
CA PRO A 110 3.30 -5.42 8.95
C PRO A 110 2.83 -4.99 10.35
N PRO A 111 1.53 -4.71 10.49
CA PRO A 111 0.97 -4.14 11.72
C PRO A 111 1.60 -4.67 13.02
N LYS A 112 1.26 -5.92 13.37
CA LYS A 112 1.76 -6.53 14.62
C LYS A 112 3.22 -6.07 15.01
N ILE A 113 4.07 -5.86 14.02
CA ILE A 113 5.43 -5.38 14.26
C ILE A 113 5.41 -3.91 14.65
N ARG A 114 4.78 -3.09 13.79
CA ARG A 114 4.67 -1.64 13.98
C ARG A 114 4.05 -1.33 15.33
N TYR A 115 3.00 -2.06 15.68
CA TYR A 115 2.43 -1.91 16.99
C TYR A 115 3.49 -2.20 18.07
N LYS A 116 4.00 -3.43 18.15
CA LYS A 116 5.00 -3.77 19.19
C LYS A 116 6.18 -2.80 19.18
N ARG A 117 6.57 -2.35 17.99
CA ARG A 117 7.60 -1.34 17.86
C ARG A 117 7.15 -0.09 18.62
N MET A 118 6.00 0.48 18.24
CA MET A 118 5.49 1.68 18.90
C MET A 118 5.26 1.50 20.40
N ILE A 119 4.48 0.49 20.77
CA ILE A 119 4.24 0.14 22.17
C ILE A 119 5.50 0.21 23.02
N GLU A 120 6.65 -0.09 22.44
CA GLU A 120 7.91 -0.09 23.18
C GLU A 120 8.67 1.22 23.00
N ARG A 121 7.98 2.36 23.07
CA ARG A 121 8.63 3.66 22.86
C ARG A 121 8.64 4.53 24.13
N LEU A 122 9.72 4.40 24.90
CA LEU A 122 9.94 5.13 26.16
C LEU A 122 9.30 6.53 26.26
N SER A 127 -1.36 6.09 25.08
CA SER A 127 -1.35 5.74 23.67
C SER A 127 -0.73 4.36 23.40
N LYS A 128 -0.64 3.56 24.46
CA LYS A 128 -0.08 2.21 24.40
C LYS A 128 -1.17 1.13 24.25
N GLU A 129 -2.42 1.55 24.08
CA GLU A 129 -3.51 0.59 23.94
C GLU A 129 -3.73 0.23 22.48
N ILE A 130 -3.80 -1.07 22.20
CA ILE A 130 -3.90 -1.59 20.84
C ILE A 130 -5.06 -0.97 20.07
N SER A 131 -6.14 -0.66 20.78
CA SER A 131 -7.29 0.00 20.19
C SER A 131 -6.84 1.28 19.49
N GLU A 132 -6.11 2.11 20.24
CA GLU A 132 -5.70 3.45 19.78
C GLU A 132 -4.74 3.41 18.61
N LEU A 133 -3.87 2.41 18.61
CA LEU A 133 -2.94 2.23 17.53
C LEU A 133 -3.76 1.93 16.29
N ILE A 134 -4.65 0.94 16.38
CA ILE A 134 -5.51 0.56 15.25
C ILE A 134 -6.26 1.75 14.68
N ARG A 135 -6.80 2.59 15.58
CA ARG A 135 -7.44 3.86 15.21
C ARG A 135 -6.46 4.82 14.49
N ARG A 136 -5.28 5.01 15.07
CA ARG A 136 -4.26 5.85 14.47
C ARG A 136 -3.90 5.39 13.05
N ASP A 137 -3.89 4.08 12.81
CA ASP A 137 -3.68 3.56 11.46
C ASP A 137 -4.79 4.00 10.52
N ARG A 138 -6.03 3.93 11.01
CA ARG A 138 -7.22 4.24 10.22
C ARG A 138 -7.20 5.71 9.87
N GLU A 139 -6.86 6.53 10.85
CA GLU A 139 -6.79 7.97 10.66
C GLU A 139 -5.83 8.20 9.50
N GLU A 140 -4.72 7.47 9.53
CA GLU A 140 -3.66 7.64 8.55
C GLU A 140 -4.09 7.14 7.18
N LEU A 141 -4.82 6.04 7.16
CA LEU A 141 -5.33 5.47 5.92
C LEU A 141 -6.33 6.38 5.25
N LYS A 142 -7.15 7.04 6.06
CA LYS A 142 -8.07 8.07 5.61
C LYS A 142 -7.37 9.28 4.94
N LEU A 143 -6.09 9.52 5.24
CA LEU A 143 -5.33 10.57 4.55
C LEU A 143 -4.91 10.17 3.13
N GLY A 144 -4.85 8.87 2.86
CA GLY A 144 -4.51 8.40 1.53
C GLY A 144 -3.13 7.77 1.40
N ILE A 145 -2.48 7.54 2.54
CA ILE A 145 -1.13 6.99 2.54
C ILE A 145 -1.12 5.64 1.83
N GLY A 146 -2.26 4.93 1.91
CA GLY A 146 -2.40 3.60 1.32
C GLY A 146 -2.12 3.63 -0.16
N GLU A 147 -2.63 4.66 -0.84
CA GLU A 147 -2.43 4.79 -2.27
C GLU A 147 -1.01 5.14 -2.61
N VAL A 148 -0.35 5.88 -1.71
CA VAL A 148 1.04 6.31 -1.94
C VAL A 148 1.92 5.08 -1.96
N ILE A 149 1.56 4.13 -1.11
CA ILE A 149 2.24 2.87 -1.01
C ILE A 149 1.93 2.02 -2.27
N ALA A 150 0.66 1.97 -2.63
CA ALA A 150 0.25 1.22 -3.81
C ALA A 150 1.00 1.69 -5.12
N MET A 151 1.20 3.00 -5.25
CA MET A 151 1.85 3.58 -6.43
C MET A 151 3.37 3.79 -6.24
N ALA A 152 3.93 3.20 -5.18
CA ALA A 152 5.38 3.28 -4.95
C ALA A 152 6.22 2.85 -6.14
N ASP A 153 7.43 3.38 -6.17
CA ASP A 153 8.39 3.00 -7.18
C ASP A 153 9.21 1.84 -6.60
N TYR A 154 9.32 1.83 -5.27
CA TYR A 154 10.09 0.82 -4.53
C TYR A 154 9.41 0.62 -3.20
N ILE A 155 9.43 -0.62 -2.71
CA ILE A 155 9.06 -0.88 -1.31
C ILE A 155 10.11 -1.67 -0.55
N ILE A 156 10.69 -1.02 0.45
CA ILE A 156 11.54 -1.68 1.38
C ILE A 156 10.67 -2.20 2.51
N THR A 157 10.80 -3.47 2.85
CA THR A 157 10.14 -3.92 4.07
C THR A 157 11.16 -3.99 5.25
N ASN A 158 10.64 -4.06 6.48
CA ASN A 158 11.42 -4.56 7.62
C ASN A 158 10.63 -5.04 8.81
N ASP A 159 10.38 -6.35 8.81
CA ASP A 159 10.39 -7.11 10.03
C ASP A 159 11.85 -7.40 10.12
N SER A 160 12.32 -7.78 11.31
CA SER A 160 13.67 -8.29 11.41
C SER A 160 14.74 -7.22 11.39
N ASN A 161 15.77 -7.50 12.18
CA ASN A 161 17.13 -7.05 11.96
C ASN A 161 17.28 -5.67 11.33
N TYR A 162 17.92 -4.78 12.06
CA TYR A 162 18.30 -3.49 11.50
C TYR A 162 19.28 -3.73 10.36
N GLU A 163 20.22 -4.66 10.58
CA GLU A 163 21.26 -4.96 9.61
C GLU A 163 20.67 -5.43 8.25
N GLU A 164 19.59 -6.21 8.32
CA GLU A 164 18.71 -6.48 7.18
C GLU A 164 18.32 -5.19 6.47
N PHE A 165 17.44 -4.44 7.14
CA PHE A 165 16.88 -3.14 6.71
C PHE A 165 17.89 -2.22 6.07
N LYS A 166 18.97 -1.97 6.78
CA LYS A 166 20.11 -1.22 6.28
C LYS A 166 20.48 -1.57 4.83
N ARG A 167 20.65 -2.86 4.54
CA ARG A 167 21.13 -3.27 3.22
C ARG A 167 20.06 -3.03 2.17
N ARG A 168 18.84 -3.46 2.45
CA ARG A 168 17.71 -3.26 1.54
C ARG A 168 17.59 -1.77 1.17
N CYS A 169 18.03 -0.90 2.08
CA CYS A 169 18.17 0.53 1.81
C CYS A 169 19.33 0.82 0.87
N GLU A 170 20.55 0.48 1.28
CA GLU A 170 21.74 0.76 0.48
C GLU A 170 21.41 0.45 -0.97
N GLU A 171 20.78 -0.70 -1.18
CA GLU A 171 20.36 -1.11 -2.52
C GLU A 171 19.24 -0.28 -3.16
N VAL A 172 18.05 -0.21 -2.55
CA VAL A 172 16.95 0.62 -3.13
C VAL A 172 17.38 2.07 -3.42
N THR A 173 18.42 2.54 -2.73
CA THR A 173 18.90 3.91 -2.92
C THR A 173 19.72 4.03 -4.19
N ASP A 174 20.70 3.15 -4.36
CA ASP A 174 21.53 3.14 -5.55
C ASP A 174 20.74 2.77 -6.80
N ARG A 175 19.88 1.75 -6.70
CA ARG A 175 18.95 1.39 -7.80
C ARG A 175 18.01 2.56 -8.16
N VAL A 176 18.16 3.69 -7.47
CA VAL A 176 17.50 4.96 -7.79
C VAL A 176 18.58 5.96 -8.20
N LEU A 177 19.74 5.83 -7.58
CA LEU A 177 20.81 6.80 -7.69
C LEU A 177 21.92 6.31 -8.64
N LYS B 1 -5.27 -22.29 7.65
CA LYS B 1 -4.51 -21.07 7.20
C LYS B 1 -5.06 -20.51 5.89
N VAL B 2 -5.21 -19.18 5.78
CA VAL B 2 -5.73 -18.58 4.54
C VAL B 2 -4.77 -17.57 3.97
N ILE B 3 -4.43 -17.72 2.70
CA ILE B 3 -3.63 -16.69 2.03
C ILE B 3 -4.50 -15.77 1.19
N LEU B 4 -4.38 -14.47 1.44
CA LEU B 4 -4.99 -13.46 0.58
C LEU B 4 -3.92 -12.85 -0.31
N ILE B 5 -4.08 -13.00 -1.61
CA ILE B 5 -3.22 -12.30 -2.55
C ILE B 5 -3.96 -11.04 -2.96
N THR B 6 -3.26 -9.89 -2.83
CA THR B 6 -3.71 -8.58 -3.32
C THR B 6 -2.64 -7.99 -4.28
N GLY B 7 -3.06 -7.17 -5.24
CA GLY B 7 -2.09 -6.44 -6.04
C GLY B 7 -2.78 -5.53 -7.01
N MET B 8 -2.01 -4.55 -7.52
CA MET B 8 -2.53 -3.63 -8.54
C MET B 8 -2.63 -4.34 -9.89
N PRO B 9 -3.51 -3.85 -10.80
CA PRO B 9 -3.81 -4.43 -12.10
C PRO B 9 -2.64 -4.99 -12.92
N GLY B 10 -1.50 -4.32 -13.00
CA GLY B 10 -0.35 -4.93 -13.69
C GLY B 10 0.62 -5.77 -12.84
N SER B 11 0.30 -5.92 -11.56
CA SER B 11 1.27 -6.38 -10.57
C SER B 11 1.92 -7.74 -10.83
N GLY B 12 1.19 -8.65 -11.45
CA GLY B 12 1.64 -10.03 -11.58
C GLY B 12 1.22 -10.94 -10.43
N LYS B 13 0.13 -10.56 -9.74
CA LYS B 13 -0.59 -11.44 -8.79
C LYS B 13 -0.66 -12.88 -9.32
N SER B 14 -1.21 -13.01 -10.52
CA SER B 14 -1.47 -14.31 -11.17
C SER B 14 -0.36 -15.30 -11.01
N GLU B 15 0.87 -14.85 -11.23
CA GLU B 15 2.07 -15.68 -11.25
C GLU B 15 2.30 -16.36 -9.89
N PHE B 16 2.00 -15.62 -8.83
CA PHE B 16 2.07 -16.12 -7.44
C PHE B 16 0.96 -17.12 -7.13
N ALA B 17 -0.29 -16.69 -7.39
CA ALA B 17 -1.45 -17.58 -7.41
C ALA B 17 -1.20 -18.87 -8.21
N LYS B 18 -0.56 -18.74 -9.37
CA LYS B 18 -0.17 -19.88 -10.19
C LYS B 18 0.77 -20.77 -9.44
N LEU B 19 1.80 -20.14 -8.88
CA LEU B 19 2.85 -20.87 -8.22
C LEU B 19 2.31 -21.76 -7.12
N LEU B 20 1.37 -21.24 -6.34
CA LEU B 20 0.62 -21.99 -5.32
C LEU B 20 -0.31 -23.06 -5.91
N LYS B 21 -1.14 -22.65 -6.88
CA LYS B 21 -1.95 -23.57 -7.65
C LYS B 21 -1.10 -24.79 -7.96
N GLU B 22 0.08 -24.56 -8.54
CA GLU B 22 1.00 -25.64 -8.91
C GLU B 22 1.49 -26.49 -7.75
N ARG B 23 1.53 -25.89 -6.56
CA ARG B 23 1.94 -26.60 -5.36
C ARG B 23 0.91 -27.63 -4.95
N GLY B 24 -0.35 -27.23 -4.86
CA GLY B 24 -1.40 -28.16 -4.51
C GLY B 24 -2.58 -27.44 -3.91
N ALA B 25 -2.31 -26.28 -3.31
CA ALA B 25 -3.32 -25.49 -2.64
C ALA B 25 -4.49 -25.13 -3.55
N LYS B 26 -5.71 -25.26 -3.01
CA LYS B 26 -6.94 -24.76 -3.64
C LYS B 26 -6.93 -23.21 -3.74
N VAL B 27 -6.96 -22.68 -4.96
CA VAL B 27 -7.04 -21.22 -5.15
C VAL B 27 -8.44 -20.80 -5.64
N ILE B 28 -9.09 -19.91 -4.90
CA ILE B 28 -10.30 -19.25 -5.40
C ILE B 28 -9.94 -17.88 -6.02
N VAL B 29 -10.32 -17.69 -7.29
CA VAL B 29 -10.09 -16.42 -7.98
C VAL B 29 -11.29 -15.50 -7.79
N MET B 30 -11.11 -14.47 -6.98
CA MET B 30 -12.25 -13.66 -6.58
C MET B 30 -13.01 -13.12 -7.77
N SER B 31 -12.29 -12.54 -8.73
CA SER B 31 -12.95 -11.99 -9.93
C SER B 31 -13.76 -13.02 -10.73
N ASP B 32 -13.36 -14.30 -10.66
CA ASP B 32 -14.07 -15.38 -11.31
C ASP B 32 -15.35 -15.64 -10.56
N VAL B 33 -15.23 -15.56 -9.23
CA VAL B 33 -16.37 -15.74 -8.34
C VAL B 33 -17.42 -14.72 -8.72
N VAL B 34 -17.00 -13.46 -8.82
CA VAL B 34 -17.92 -12.39 -9.23
C VAL B 34 -18.57 -12.70 -10.57
N ARG B 35 -17.78 -13.09 -11.55
CA ARG B 35 -18.30 -13.45 -12.87
C ARG B 35 -19.47 -14.41 -12.72
N LYS B 36 -19.25 -15.54 -12.06
CA LYS B 36 -20.32 -16.51 -11.81
C LYS B 36 -21.59 -15.83 -11.30
N ARG B 37 -21.44 -14.83 -10.44
CA ARG B 37 -22.59 -14.12 -9.91
C ARG B 37 -23.26 -13.26 -10.96
N TYR B 38 -22.45 -12.67 -11.84
CA TYR B 38 -22.94 -12.01 -13.04
C TYR B 38 -24.09 -12.80 -13.68
N SER B 39 -23.81 -14.07 -13.98
CA SER B 39 -24.74 -14.98 -14.64
C SER B 39 -26.13 -14.95 -14.03
N ILE B 40 -26.19 -14.74 -12.72
CA ILE B 40 -27.47 -14.69 -12.04
C ILE B 40 -27.94 -13.25 -11.90
N GLU B 41 -27.11 -12.40 -11.28
CA GLU B 41 -27.55 -11.09 -10.81
C GLU B 41 -27.50 -9.96 -11.85
N ALA B 42 -26.43 -9.92 -12.64
CA ALA B 42 -26.23 -8.85 -13.62
C ALA B 42 -27.20 -9.03 -14.77
N LYS B 43 -27.32 -8.01 -15.60
CA LYS B 43 -28.18 -8.14 -16.76
C LYS B 43 -27.54 -7.39 -17.93
N PRO B 44 -28.28 -7.26 -19.06
CA PRO B 44 -27.84 -6.68 -20.32
C PRO B 44 -26.33 -6.39 -20.45
N GLY B 45 -25.95 -5.12 -20.28
CA GLY B 45 -24.55 -4.74 -20.39
C GLY B 45 -23.79 -5.06 -19.13
N GLU B 46 -23.97 -4.23 -18.12
CA GLU B 46 -23.17 -4.23 -16.89
C GLU B 46 -21.65 -4.50 -17.06
N ARG B 47 -20.93 -3.62 -17.76
CA ARG B 47 -19.46 -3.72 -17.86
C ARG B 47 -18.86 -4.10 -16.50
N LEU B 48 -18.54 -5.39 -16.35
CA LEU B 48 -18.19 -5.98 -15.06
C LEU B 48 -18.23 -4.99 -13.91
N MET B 49 -17.11 -4.32 -13.63
CA MET B 49 -16.98 -3.34 -12.55
C MET B 49 -18.28 -2.59 -12.18
N ASP B 50 -19.05 -2.20 -13.19
CA ASP B 50 -20.40 -1.63 -13.03
C ASP B 50 -21.32 -2.48 -12.16
N PHE B 51 -21.26 -3.79 -12.38
CA PHE B 51 -22.03 -4.76 -11.61
C PHE B 51 -21.33 -5.12 -10.29
N ALA B 52 -20.00 -5.11 -10.31
CA ALA B 52 -19.20 -5.27 -9.10
C ALA B 52 -19.50 -4.19 -8.06
N LYS B 53 -19.69 -2.96 -8.52
CA LYS B 53 -20.10 -1.85 -7.64
C LYS B 53 -21.53 -2.03 -7.10
N ARG B 54 -22.46 -2.38 -8.00
CA ARG B 54 -23.87 -2.52 -7.65
C ARG B 54 -24.03 -3.63 -6.61
N LEU B 55 -23.11 -4.60 -6.63
CA LEU B 55 -23.15 -5.70 -5.66
C LEU B 55 -22.83 -5.19 -4.26
N ARG B 56 -21.76 -4.42 -4.17
CA ARG B 56 -21.35 -3.83 -2.91
C ARG B 56 -22.37 -2.79 -2.43
N GLU B 57 -22.92 -2.03 -3.37
CA GLU B 57 -23.99 -1.10 -3.03
C GLU B 57 -25.15 -1.85 -2.43
N ILE B 58 -25.35 -3.11 -2.81
CA ILE B 58 -26.55 -3.84 -2.36
C ILE B 58 -26.34 -4.78 -1.19
N TYR B 59 -25.13 -5.27 -1.00
CA TYR B 59 -24.90 -6.21 0.09
C TYR B 59 -23.72 -5.76 0.94
N GLY B 60 -23.23 -4.57 0.64
CA GLY B 60 -22.09 -3.97 1.34
C GLY B 60 -20.81 -4.54 0.82
N ASP B 61 -19.79 -3.69 0.66
CA ASP B 61 -18.48 -4.08 0.08
C ASP B 61 -17.71 -5.25 0.71
N GLY B 62 -18.35 -5.99 1.61
CA GLY B 62 -17.82 -7.27 2.06
C GLY B 62 -18.18 -8.42 1.12
N VAL B 63 -19.27 -8.25 0.36
CA VAL B 63 -19.88 -9.31 -0.43
C VAL B 63 -18.94 -10.28 -1.14
N VAL B 64 -18.02 -9.78 -1.97
CA VAL B 64 -17.25 -10.71 -2.80
C VAL B 64 -16.69 -11.84 -1.95
N ALA B 65 -16.13 -11.51 -0.78
CA ALA B 65 -15.55 -12.49 0.11
C ALA B 65 -16.60 -13.53 0.58
N ARG B 66 -17.78 -13.03 0.93
CA ARG B 66 -18.90 -13.85 1.39
C ARG B 66 -19.29 -14.86 0.34
N LEU B 67 -19.17 -14.48 -0.92
CA LEU B 67 -19.46 -15.38 -2.01
C LEU B 67 -18.29 -16.31 -2.26
N CYS B 68 -17.09 -15.89 -1.89
CA CYS B 68 -15.95 -16.76 -2.08
C CYS B 68 -15.95 -17.84 -1.01
N VAL B 69 -16.42 -17.47 0.17
CA VAL B 69 -16.57 -18.42 1.27
C VAL B 69 -17.77 -19.34 0.99
N GLU B 70 -18.72 -18.83 0.20
CA GLU B 70 -19.89 -19.56 -0.20
C GLU B 70 -19.49 -20.65 -1.16
N GLU B 71 -18.49 -20.33 -1.97
CA GLU B 71 -17.92 -21.28 -2.92
C GLU B 71 -17.21 -22.34 -2.11
N LEU B 72 -16.03 -21.97 -1.58
CA LEU B 72 -15.26 -22.82 -0.69
C LEU B 72 -16.23 -23.59 0.18
N GLY B 73 -16.32 -24.88 -0.08
CA GLY B 73 -17.33 -25.69 0.54
C GLY B 73 -17.23 -25.61 2.05
N THR B 74 -18.06 -24.74 2.65
CA THR B 74 -18.26 -24.65 4.13
C THR B 74 -18.20 -26.00 4.93
N SER B 75 -16.98 -26.55 4.99
CA SER B 75 -16.63 -27.83 5.59
C SER B 75 -15.10 -27.93 5.41
N ASN B 76 -14.66 -27.47 4.23
CA ASN B 76 -13.27 -27.41 3.79
C ASN B 76 -12.24 -26.94 4.83
N HIS B 77 -11.78 -27.90 5.64
CA HIS B 77 -10.81 -27.63 6.71
C HIS B 77 -9.37 -27.36 6.25
N ASP B 78 -9.10 -27.55 4.95
CA ASP B 78 -7.74 -27.35 4.40
C ASP B 78 -7.52 -25.90 4.00
N LEU B 79 -6.24 -25.53 3.83
CA LEU B 79 -5.82 -24.16 3.54
C LEU B 79 -6.31 -23.69 2.19
N VAL B 80 -6.74 -22.44 2.14
CA VAL B 80 -7.24 -21.85 0.90
C VAL B 80 -6.59 -20.50 0.52
N VAL B 81 -6.34 -20.34 -0.78
CA VAL B 81 -5.79 -19.10 -1.34
C VAL B 81 -6.87 -18.29 -2.06
N PHE B 82 -7.09 -17.08 -1.58
CA PHE B 82 -7.96 -16.17 -2.28
C PHE B 82 -7.14 -15.11 -3.01
N ASP B 83 -7.48 -14.91 -4.27
CA ASP B 83 -6.79 -13.95 -5.07
C ASP B 83 -7.82 -13.30 -5.98
N GLY B 84 -7.90 -11.97 -6.00
CA GLY B 84 -7.16 -11.07 -5.14
C GLY B 84 -8.04 -9.98 -4.57
N VAL B 85 -7.90 -9.75 -3.26
CA VAL B 85 -8.74 -8.82 -2.48
C VAL B 85 -8.56 -7.36 -2.90
N ARG B 86 -9.65 -6.58 -2.79
CA ARG B 86 -9.58 -5.17 -3.14
C ARG B 86 -9.81 -4.25 -1.94
N SER B 87 -10.50 -4.71 -0.91
CA SER B 87 -10.85 -3.80 0.19
C SER B 87 -10.62 -4.42 1.53
N LEU B 88 -10.23 -3.60 2.51
CA LEU B 88 -10.11 -4.09 3.89
C LEU B 88 -11.44 -4.68 4.37
N ALA B 89 -12.53 -4.20 3.76
CA ALA B 89 -13.90 -4.65 4.05
C ALA B 89 -14.03 -6.15 3.90
N GLU B 90 -13.38 -6.67 2.84
CA GLU B 90 -13.32 -8.09 2.51
C GLU B 90 -12.35 -8.90 3.35
N VAL B 91 -11.21 -8.32 3.70
CA VAL B 91 -10.31 -8.94 4.67
C VAL B 91 -11.09 -9.21 5.95
N GLU B 92 -11.74 -8.16 6.47
CA GLU B 92 -12.62 -8.28 7.64
C GLU B 92 -13.58 -9.47 7.52
N GLU B 93 -14.34 -9.52 6.42
CA GLU B 93 -15.26 -10.63 6.11
C GLU B 93 -14.62 -12.03 6.18
N PHE B 94 -13.52 -12.23 5.48
CA PHE B 94 -12.84 -13.51 5.49
C PHE B 94 -12.53 -13.88 6.91
N LYS B 95 -11.94 -12.95 7.64
CA LYS B 95 -11.57 -13.21 9.02
C LYS B 95 -12.80 -13.63 9.81
N ARG B 96 -13.87 -12.86 9.71
CA ARG B 96 -15.10 -13.16 10.44
C ARG B 96 -15.76 -14.45 10.00
N LEU B 97 -15.23 -15.09 8.96
CA LEU B 97 -15.80 -16.33 8.47
C LEU B 97 -14.83 -17.48 8.54
N LEU B 98 -13.55 -17.19 8.49
CA LEU B 98 -12.56 -18.24 8.51
C LEU B 98 -11.57 -18.11 9.68
N GLY B 99 -11.77 -17.12 10.55
CA GLY B 99 -11.01 -17.03 11.80
C GLY B 99 -9.67 -16.33 11.74
N ASP B 100 -8.89 -16.49 12.81
CA ASP B 100 -7.64 -15.75 13.03
C ASP B 100 -6.61 -15.94 11.91
N SER B 101 -6.15 -17.17 11.69
CA SER B 101 -5.08 -17.45 10.74
C SER B 101 -5.42 -17.07 9.30
N VAL B 102 -5.21 -15.79 9.00
CA VAL B 102 -5.53 -15.18 7.71
C VAL B 102 -4.34 -14.30 7.37
N TYR B 103 -3.86 -14.41 6.14
CA TYR B 103 -2.65 -13.72 5.77
C TYR B 103 -2.83 -12.96 4.47
N ILE B 104 -2.57 -11.65 4.53
CA ILE B 104 -2.53 -10.81 3.35
C ILE B 104 -1.13 -10.79 2.82
N VAL B 105 -0.91 -11.36 1.64
CA VAL B 105 0.33 -11.15 0.91
C VAL B 105 -0.02 -10.23 -0.25
N ALA B 106 0.93 -9.42 -0.69
CA ALA B 106 0.69 -8.48 -1.79
C ALA B 106 1.85 -8.44 -2.78
N VAL B 107 1.56 -8.40 -4.08
CA VAL B 107 2.60 -8.28 -5.11
C VAL B 107 2.71 -6.84 -5.59
N HIS B 108 3.93 -6.30 -5.53
CA HIS B 108 4.22 -4.95 -6.01
C HIS B 108 4.87 -4.87 -7.40
N SER B 109 4.38 -3.93 -8.19
CA SER B 109 5.09 -3.50 -9.37
C SER B 109 4.86 -2.00 -9.53
N PRO B 110 5.95 -1.24 -9.77
CA PRO B 110 5.90 0.18 -10.05
C PRO B 110 4.90 0.44 -11.16
N PRO B 111 4.15 1.56 -11.06
CA PRO B 111 3.18 1.84 -12.10
C PRO B 111 3.78 1.74 -13.52
N LYS B 112 4.93 2.36 -13.78
CA LYS B 112 5.60 2.27 -15.11
C LYS B 112 5.90 0.83 -15.57
N ILE B 113 6.45 0.01 -14.66
CA ILE B 113 6.52 -1.44 -14.87
C ILE B 113 5.14 -1.98 -15.21
N ARG B 114 4.19 -1.80 -14.29
CA ARG B 114 2.87 -2.39 -14.44
C ARG B 114 2.24 -2.15 -15.80
N TYR B 115 2.44 -0.95 -16.35
CA TYR B 115 1.79 -0.58 -17.61
C TYR B 115 2.49 -1.17 -18.83
N LYS B 116 3.81 -0.96 -18.93
CA LYS B 116 4.63 -1.52 -20.03
C LYS B 116 4.24 -2.95 -20.28
N ARG B 117 4.02 -3.64 -19.15
CA ARG B 117 3.56 -5.02 -19.09
C ARG B 117 2.19 -5.16 -19.75
N MET B 118 1.19 -4.58 -19.11
CA MET B 118 -0.21 -4.69 -19.55
C MET B 118 -0.42 -4.36 -21.02
N ILE B 119 0.33 -3.39 -21.52
CA ILE B 119 0.29 -3.09 -22.93
C ILE B 119 0.82 -4.29 -23.74
N GLU B 120 2.02 -4.78 -23.40
CA GLU B 120 2.78 -5.72 -24.25
C GLU B 120 2.18 -7.13 -24.41
N GLU B 129 -4.71 5.09 -24.71
CA GLU B 129 -4.23 3.88 -24.03
C GLU B 129 -3.76 4.12 -22.58
N ILE B 130 -2.50 4.55 -22.42
CA ILE B 130 -1.89 4.75 -21.10
C ILE B 130 -2.89 5.35 -20.13
N SER B 131 -3.63 6.36 -20.62
CA SER B 131 -4.66 7.06 -19.87
C SER B 131 -5.61 6.08 -19.24
N GLU B 132 -6.23 5.26 -20.09
CA GLU B 132 -7.19 4.24 -19.67
C GLU B 132 -6.63 3.40 -18.49
N LEU B 133 -5.37 2.99 -18.59
CA LEU B 133 -4.76 2.16 -17.56
C LEU B 133 -4.58 2.90 -16.25
N ILE B 134 -4.38 4.22 -16.32
CA ILE B 134 -4.29 5.06 -15.12
C ILE B 134 -5.67 5.25 -14.46
N ARG B 135 -6.73 5.32 -15.28
CA ARG B 135 -8.11 5.33 -14.78
C ARG B 135 -8.47 4.04 -14.07
N ARG B 136 -7.95 2.93 -14.59
CA ARG B 136 -8.23 1.63 -14.02
C ARG B 136 -7.52 1.48 -12.67
N ASP B 137 -6.48 2.28 -12.45
CA ASP B 137 -5.88 2.33 -11.11
C ASP B 137 -6.71 3.22 -10.23
N ARG B 138 -6.96 4.44 -10.71
CA ARG B 138 -7.82 5.36 -9.99
C ARG B 138 -9.02 4.57 -9.43
N GLU B 139 -9.64 3.76 -10.27
CA GLU B 139 -10.77 2.97 -9.82
C GLU B 139 -10.42 1.99 -8.72
N GLU B 140 -9.41 1.17 -8.99
CA GLU B 140 -8.98 0.15 -8.07
C GLU B 140 -8.71 0.68 -6.65
N LEU B 141 -7.99 1.81 -6.59
CA LEU B 141 -7.62 2.45 -5.34
C LEU B 141 -8.86 2.95 -4.63
N LYS B 142 -9.85 3.39 -5.42
CA LYS B 142 -11.14 3.85 -4.92
C LYS B 142 -11.89 2.70 -4.24
N LEU B 143 -11.42 1.47 -4.47
CA LEU B 143 -11.94 0.30 -3.76
C LEU B 143 -11.13 -0.01 -2.49
N GLY B 144 -10.10 0.79 -2.23
CA GLY B 144 -9.36 0.73 -0.98
C GLY B 144 -8.30 -0.33 -0.96
N ILE B 145 -7.87 -0.75 -2.15
CA ILE B 145 -6.80 -1.73 -2.29
C ILE B 145 -5.51 -1.18 -1.65
N GLY B 146 -5.35 0.13 -1.69
CA GLY B 146 -4.21 0.81 -1.11
C GLY B 146 -4.00 0.39 0.34
N GLU B 147 -5.09 0.41 1.12
CA GLU B 147 -5.01 0.08 2.54
C GLU B 147 -4.76 -1.39 2.79
N VAL B 148 -5.33 -2.21 1.92
CA VAL B 148 -5.04 -3.62 1.96
C VAL B 148 -3.53 -3.74 1.81
N ILE B 149 -2.95 -3.19 0.74
CA ILE B 149 -1.48 -3.27 0.60
C ILE B 149 -0.75 -2.68 1.83
N ALA B 150 -1.19 -1.50 2.25
CA ALA B 150 -0.68 -0.86 3.46
C ALA B 150 -0.66 -1.82 4.64
N MET B 151 -1.75 -2.55 4.85
CA MET B 151 -1.85 -3.43 6.01
C MET B 151 -1.35 -4.88 5.75
N ALA B 152 -0.69 -5.10 4.61
CA ALA B 152 -0.14 -6.42 4.23
C ALA B 152 0.87 -7.01 5.20
N ASP B 153 0.77 -8.32 5.39
CA ASP B 153 1.77 -9.06 6.17
C ASP B 153 3.05 -9.12 5.39
N TYR B 154 2.94 -9.59 4.15
CA TYR B 154 4.07 -9.64 3.26
C TYR B 154 3.77 -8.82 2.01
N ILE B 155 4.81 -8.19 1.49
CA ILE B 155 4.75 -7.49 0.22
C ILE B 155 5.91 -8.02 -0.58
N ILE B 156 5.63 -8.91 -1.50
CA ILE B 156 6.63 -9.39 -2.44
C ILE B 156 6.62 -8.42 -3.59
N THR B 157 7.78 -7.86 -3.93
CA THR B 157 7.87 -6.99 -5.12
C THR B 157 8.22 -7.81 -6.37
N ASN B 158 7.75 -7.33 -7.53
CA ASN B 158 7.94 -8.00 -8.81
C ASN B 158 8.67 -7.13 -9.81
N ASP B 159 10.00 -7.05 -9.69
CA ASP B 159 10.85 -6.49 -10.76
C ASP B 159 11.30 -7.64 -11.62
N SER B 160 12.23 -7.35 -12.53
CA SER B 160 12.73 -8.35 -13.48
C SER B 160 12.99 -9.71 -12.82
N ASN B 161 12.98 -10.75 -13.66
CA ASN B 161 13.23 -12.12 -13.22
C ASN B 161 12.06 -12.77 -12.52
N TYR B 162 11.43 -13.68 -13.24
CA TYR B 162 10.51 -14.66 -12.67
C TYR B 162 11.29 -15.49 -11.67
N GLU B 163 12.58 -15.69 -11.98
CA GLU B 163 13.49 -16.43 -11.13
C GLU B 163 13.59 -15.77 -9.75
N GLU B 164 13.88 -14.46 -9.71
CA GLU B 164 13.94 -13.77 -8.44
C GLU B 164 12.56 -13.59 -7.84
N PHE B 165 11.58 -13.35 -8.71
CA PHE B 165 10.19 -13.26 -8.28
C PHE B 165 9.74 -14.55 -7.61
N LYS B 166 10.02 -15.69 -8.27
CA LYS B 166 9.72 -17.01 -7.69
C LYS B 166 10.40 -17.23 -6.35
N ARG B 167 11.70 -16.93 -6.25
CA ARG B 167 12.48 -17.18 -5.03
C ARG B 167 11.88 -16.44 -3.83
N ARG B 168 11.44 -15.21 -4.07
CA ARG B 168 10.80 -14.38 -3.04
C ARG B 168 9.43 -14.95 -2.68
N CYS B 169 8.76 -15.57 -3.64
CA CYS B 169 7.46 -16.20 -3.41
C CYS B 169 7.56 -17.36 -2.44
N GLU B 170 8.53 -18.25 -2.68
CA GLU B 170 8.83 -19.36 -1.78
C GLU B 170 9.16 -18.84 -0.37
N GLU B 171 10.07 -17.87 -0.28
CA GLU B 171 10.44 -17.29 1.01
C GLU B 171 9.20 -17.05 1.84
N VAL B 172 8.25 -16.34 1.27
CA VAL B 172 7.03 -15.96 1.96
C VAL B 172 6.13 -17.15 2.25
N THR B 173 5.73 -17.87 1.21
CA THR B 173 4.89 -19.07 1.37
C THR B 173 5.35 -19.94 2.54
N ASP B 174 6.63 -20.31 2.56
CA ASP B 174 7.18 -21.15 3.62
C ASP B 174 7.09 -20.44 4.94
N ARG B 175 7.53 -19.19 4.97
CA ARG B 175 7.33 -18.37 6.14
C ARG B 175 5.87 -18.49 6.57
N VAL B 176 4.94 -18.31 5.64
CA VAL B 176 3.53 -18.30 5.98
C VAL B 176 3.08 -19.63 6.55
N LEU B 177 3.48 -20.74 5.91
CA LEU B 177 3.01 -22.08 6.28
C LEU B 177 3.48 -22.56 7.66
#